data_3LBE
#
_entry.id   3LBE
#
_cell.length_a   68.536
_cell.length_b   68.536
_cell.length_c   118.817
_cell.angle_alpha   90.00
_cell.angle_beta   90.00
_cell.angle_gamma   90.00
#
_symmetry.space_group_name_H-M   'P 21 21 21'
#
loop_
_entity.id
_entity.type
_entity.pdbx_description
1 polymer 'Putative uncharacterized protein smu.793'
2 non-polymer 'COENZYME A'
3 non-polymer 'CHLORIDE ION'
4 water water
#
_entity_poly.entity_id   1
_entity_poly.type   'polypeptide(L)'
_entity_poly.pdbx_seq_one_letter_code
;MGSSHHHHHHSSGLVPRGSHMASMTGGQQMGRGSMSDNHLHEIRVFENFDMVSFEKGHVIVTTEVVDKSLNYYGFAHGGY
IFTLCDQISGLVSISTGFDAVTLQSSINYLKSGKLGDTLLIDGRCVHDGRTTKVVDVTVTNQLKQEVAKATFTMFVTGKR
KDD
;
_entity_poly.pdbx_strand_id   A,B,C,D
#
loop_
_chem_comp.id
_chem_comp.type
_chem_comp.name
_chem_comp.formula
CL non-polymer 'CHLORIDE ION' 'Cl -1'
COA non-polymer 'COENZYME A' 'C21 H36 N7 O16 P3 S'
#
# COMPACT_ATOMS: atom_id res chain seq x y z
N HIS A 39 16.96 -22.92 -10.43
CA HIS A 39 15.66 -23.03 -9.80
C HIS A 39 14.60 -22.58 -10.77
N LEU A 40 14.86 -22.75 -12.04
CA LEU A 40 13.85 -22.49 -13.00
C LEU A 40 12.90 -23.61 -12.66
N HIS A 41 11.77 -23.65 -13.28
CA HIS A 41 10.84 -24.69 -12.87
C HIS A 41 9.97 -24.71 -11.65
N GLU A 42 10.23 -23.73 -10.84
CA GLU A 42 9.55 -23.54 -9.55
C GLU A 42 8.20 -22.89 -9.77
N ILE A 43 8.16 -21.92 -10.68
CA ILE A 43 6.95 -21.12 -10.89
C ILE A 43 6.68 -20.98 -12.36
N ARG A 44 5.44 -20.67 -12.70
CA ARG A 44 5.14 -20.37 -14.08
C ARG A 44 5.68 -18.97 -14.36
N VAL A 45 6.38 -18.82 -15.47
CA VAL A 45 7.00 -17.53 -15.78
C VAL A 45 6.15 -16.74 -16.76
N PHE A 46 5.68 -15.58 -16.32
CA PHE A 46 4.85 -14.72 -17.16
C PHE A 46 5.67 -13.60 -17.80
N GLU A 47 6.70 -13.15 -17.08
CA GLU A 47 7.67 -12.22 -17.66
C GLU A 47 9.05 -12.82 -17.49
N ASN A 48 9.79 -12.95 -18.60
CA ASN A 48 11.08 -13.64 -18.60
C ASN A 48 12.14 -13.01 -17.72
N PHE A 49 13.01 -13.85 -17.17
CA PHE A 49 14.12 -13.37 -16.37
C PHE A 49 15.19 -14.45 -16.31
N ASP A 50 16.42 -14.03 -16.03
CA ASP A 50 17.51 -14.96 -15.81
C ASP A 50 17.83 -15.00 -14.32
N MET A 51 17.98 -16.21 -13.79
CA MET A 51 18.29 -16.38 -12.37
C MET A 51 19.73 -15.93 -12.06
N VAL A 52 19.90 -15.03 -11.09
CA VAL A 52 21.23 -14.60 -10.67
C VAL A 52 21.69 -15.39 -9.45
N SER A 53 20.84 -15.48 -8.43
CA SER A 53 21.15 -16.26 -7.24
C SER A 53 19.90 -16.67 -6.48
N PHE A 54 19.95 -17.85 -5.87
CA PHE A 54 18.81 -18.39 -5.14
C PHE A 54 19.28 -18.95 -3.80
N GLU A 55 18.93 -18.24 -2.72
CA GLU A 55 19.25 -18.67 -1.36
C GLU A 55 18.01 -18.61 -0.50
N LYS A 56 18.06 -19.28 0.65
CA LYS A 56 16.95 -19.22 1.59
C LYS A 56 16.67 -17.77 1.96
N GLY A 57 15.48 -17.30 1.60
CA GLY A 57 15.03 -15.97 1.98
C GLY A 57 15.54 -14.85 1.10
N HIS A 58 16.25 -15.20 0.04
CA HIS A 58 16.90 -14.18 -0.79
C HIS A 58 17.12 -14.66 -2.22
N VAL A 59 16.35 -14.08 -3.14
CA VAL A 59 16.45 -14.45 -4.54
C VAL A 59 16.73 -13.22 -5.39
N ILE A 60 17.59 -13.37 -6.39
CA ILE A 60 17.95 -12.28 -7.30
C ILE A 60 17.85 -12.77 -8.75
N VAL A 61 17.13 -12.00 -9.58
CA VAL A 61 17.02 -12.29 -10.99
C VAL A 61 17.28 -11.03 -11.81
N THR A 62 17.50 -11.18 -13.10
CA THR A 62 17.81 -10.05 -13.95
C THR A 62 17.02 -10.17 -15.25
N THR A 63 16.73 -9.03 -15.87
CA THR A 63 16.13 -9.06 -17.18
C THR A 63 16.37 -7.78 -17.98
N GLU A 64 15.98 -7.81 -19.25
CA GLU A 64 16.17 -6.69 -20.15
C GLU A 64 14.81 -6.18 -20.60
N VAL A 65 14.62 -4.86 -20.58
CA VAL A 65 13.38 -4.28 -21.05
C VAL A 65 13.37 -4.32 -22.57
N VAL A 66 12.39 -5.01 -23.13
CA VAL A 66 12.22 -5.09 -24.58
C VAL A 66 10.91 -4.41 -24.97
N ASP A 67 10.70 -4.20 -26.27
CA ASP A 67 9.62 -3.33 -26.71
C ASP A 67 8.25 -3.81 -26.29
N LYS A 68 8.08 -5.12 -26.16
CA LYS A 68 6.76 -5.65 -25.88
C LYS A 68 6.20 -5.18 -24.53
N SER A 69 7.08 -4.68 -23.67
N SER A 69 7.07 -4.68 -23.65
CA SER A 69 6.65 -4.23 -22.35
CA SER A 69 6.60 -4.22 -22.35
C SER A 69 6.41 -2.71 -22.28
C SER A 69 6.27 -2.72 -22.32
N LEU A 70 6.61 -2.01 -23.38
CA LEU A 70 6.52 -0.54 -23.38
C LEU A 70 5.11 -0.02 -23.60
N ASN A 71 4.66 0.88 -22.74
CA ASN A 71 3.38 1.54 -22.96
C ASN A 71 3.51 2.70 -23.98
N TYR A 72 2.42 3.41 -24.24
CA TYR A 72 2.45 4.47 -25.25
C TYR A 72 3.36 5.65 -24.84
N TYR A 73 3.75 5.69 -23.56
CA TYR A 73 4.65 6.74 -23.09
C TYR A 73 6.11 6.32 -23.23
N GLY A 74 6.34 5.10 -23.71
CA GLY A 74 7.71 4.60 -23.88
C GLY A 74 8.33 4.06 -22.61
N PHE A 75 7.50 3.73 -21.62
CA PHE A 75 7.99 3.21 -20.35
C PHE A 75 7.55 1.75 -20.15
N ALA A 76 8.39 0.95 -19.51
CA ALA A 76 7.98 -0.39 -19.11
C ALA A 76 6.73 -0.26 -18.25
N HIS A 77 5.66 -0.92 -18.64
CA HIS A 77 4.38 -0.68 -17.97
C HIS A 77 4.34 -1.21 -16.55
N GLY A 78 3.51 -0.57 -15.73
CA GLY A 78 3.46 -0.88 -14.31
C GLY A 78 3.23 -2.34 -14.00
N GLY A 79 2.38 -3.00 -14.81
CA GLY A 79 2.07 -4.40 -14.58
C GLY A 79 3.23 -5.32 -14.90
N TYR A 80 4.06 -4.91 -15.83
CA TYR A 80 5.26 -5.69 -16.18
C TYR A 80 6.24 -5.69 -15.02
N ILE A 81 6.55 -4.50 -14.51
CA ILE A 81 7.40 -4.38 -13.34
C ILE A 81 6.81 -5.11 -12.13
N PHE A 82 5.53 -4.90 -11.86
CA PHE A 82 4.86 -5.58 -10.76
C PHE A 82 4.97 -7.10 -10.89
N THR A 83 4.77 -7.63 -12.09
CA THR A 83 4.81 -9.08 -12.27
C THR A 83 6.22 -9.62 -11.96
N LEU A 84 7.26 -8.93 -12.41
CA LEU A 84 8.63 -9.35 -12.04
C LEU A 84 8.75 -9.46 -10.53
N CYS A 85 8.19 -8.48 -9.82
CA CYS A 85 8.26 -8.47 -8.36
C CYS A 85 7.41 -9.58 -7.73
N ASP A 86 6.24 -9.83 -8.32
CA ASP A 86 5.34 -10.84 -7.79
C ASP A 86 5.96 -12.22 -7.98
N GLN A 87 6.57 -12.43 -9.14
CA GLN A 87 7.26 -13.69 -9.42
C GLN A 87 8.39 -13.92 -8.44
N ILE A 88 9.21 -12.90 -8.22
CA ILE A 88 10.32 -13.13 -7.31
C ILE A 88 9.81 -13.33 -5.88
N SER A 89 8.67 -12.73 -5.53
CA SER A 89 8.12 -12.96 -4.19
C SER A 89 7.68 -14.40 -4.00
N GLY A 90 7.11 -14.98 -5.05
CA GLY A 90 6.79 -16.40 -5.06
C GLY A 90 8.04 -17.24 -4.89
N LEU A 91 9.09 -16.91 -5.64
CA LEU A 91 10.36 -17.62 -5.50
C LEU A 91 10.91 -17.49 -4.07
N VAL A 92 10.80 -16.31 -3.49
CA VAL A 92 11.34 -16.11 -2.14
C VAL A 92 10.58 -16.97 -1.14
N SER A 93 9.26 -17.04 -1.28
N SER A 93 9.25 -17.02 -1.28
CA SER A 93 8.47 -17.86 -0.39
CA SER A 93 8.44 -17.86 -0.41
C SER A 93 8.86 -19.33 -0.54
C SER A 93 8.90 -19.30 -0.54
N ILE A 94 9.04 -19.78 -1.78
CA ILE A 94 9.46 -21.16 -2.02
C ILE A 94 10.83 -21.41 -1.38
N SER A 95 11.71 -20.41 -1.46
CA SER A 95 13.05 -20.55 -0.89
C SER A 95 13.02 -20.75 0.63
N THR A 96 11.95 -20.29 1.28
CA THR A 96 11.83 -20.46 2.74
C THR A 96 11.22 -21.81 3.09
N GLY A 97 10.71 -22.53 2.10
CA GLY A 97 10.17 -23.85 2.30
C GLY A 97 8.65 -23.96 2.16
N PHE A 98 8.02 -22.92 1.62
CA PHE A 98 6.56 -22.87 1.64
C PHE A 98 5.89 -22.41 0.35
N ASP A 99 4.73 -22.99 0.08
CA ASP A 99 3.84 -22.49 -0.96
C ASP A 99 3.05 -21.34 -0.35
N ALA A 100 2.80 -20.30 -1.15
CA ALA A 100 2.03 -19.16 -0.66
C ALA A 100 1.33 -18.49 -1.82
N VAL A 101 0.24 -17.78 -1.52
CA VAL A 101 -0.42 -16.95 -2.52
C VAL A 101 -0.26 -15.50 -2.09
N THR A 102 -0.22 -14.59 -3.06
CA THR A 102 -0.10 -13.17 -2.73
C THR A 102 -1.39 -12.69 -2.10
N LEU A 103 -1.27 -12.07 -0.93
CA LEU A 103 -2.41 -11.57 -0.18
C LEU A 103 -2.59 -10.07 -0.39
N GLN A 104 -1.46 -9.37 -0.41
CA GLN A 104 -1.48 -7.91 -0.53
C GLN A 104 -0.13 -7.47 -1.07
N SER A 105 -0.12 -6.40 -1.84
CA SER A 105 1.15 -5.86 -2.31
C SER A 105 1.10 -4.35 -2.49
N SER A 106 2.19 -3.68 -2.16
CA SER A 106 2.36 -2.25 -2.42
C SER A 106 3.60 -2.05 -3.25
N ILE A 107 3.53 -1.18 -4.24
CA ILE A 107 4.67 -0.92 -5.12
C ILE A 107 4.79 0.57 -5.36
N ASN A 108 6.02 1.07 -5.34
CA ASN A 108 6.34 2.44 -5.74
C ASN A 108 7.18 2.41 -7.00
N TYR A 109 6.77 3.21 -7.97
CA TYR A 109 7.52 3.37 -9.22
C TYR A 109 8.33 4.65 -9.13
N LEU A 110 9.64 4.47 -8.95
CA LEU A 110 10.56 5.56 -8.61
C LEU A 110 11.15 6.22 -9.85
N LYS A 111 11.52 5.38 -10.83
CA LYS A 111 12.13 5.84 -12.06
C LYS A 111 11.63 4.92 -13.16
N SER A 112 11.38 5.46 -14.35
CA SER A 112 10.84 4.62 -15.41
C SER A 112 11.86 3.64 -15.97
N GLY A 113 11.37 2.47 -16.37
CA GLY A 113 12.18 1.51 -17.11
C GLY A 113 12.06 1.85 -18.58
N LYS A 114 13.18 1.94 -19.27
CA LYS A 114 13.18 2.31 -20.68
C LYS A 114 13.70 1.19 -21.55
N LEU A 115 13.39 1.27 -22.85
CA LEU A 115 13.84 0.25 -23.79
C LEU A 115 15.34 0.01 -23.63
N GLY A 116 15.69 -1.26 -23.43
CA GLY A 116 17.09 -1.65 -23.38
C GLY A 116 17.71 -1.64 -21.99
N ASP A 117 17.00 -1.08 -21.01
CA ASP A 117 17.47 -1.11 -19.63
C ASP A 117 17.67 -2.54 -19.16
N THR A 118 18.70 -2.77 -18.35
CA THR A 118 18.85 -4.03 -17.65
C THR A 118 18.34 -3.86 -16.23
N LEU A 119 17.38 -4.69 -15.82
CA LEU A 119 16.81 -4.60 -14.48
C LEU A 119 17.33 -5.71 -13.58
N LEU A 120 17.77 -5.34 -12.38
CA LEU A 120 18.15 -6.31 -11.37
C LEU A 120 17.03 -6.30 -10.33
N ILE A 121 16.43 -7.48 -10.11
CA ILE A 121 15.32 -7.61 -9.19
C ILE A 121 15.74 -8.47 -8.00
N ASP A 122 15.74 -7.84 -6.83
CA ASP A 122 16.23 -8.48 -5.61
C ASP A 122 15.10 -8.63 -4.61
N GLY A 123 14.83 -9.86 -4.21
CA GLY A 123 13.75 -10.15 -3.28
C GLY A 123 14.27 -10.72 -1.98
N ARG A 124 13.91 -10.07 -0.86
CA ARG A 124 14.38 -10.51 0.44
C ARG A 124 13.25 -10.72 1.43
N CYS A 125 13.21 -11.89 2.05
CA CYS A 125 12.21 -12.15 3.07
C CYS A 125 12.57 -11.38 4.33
N VAL A 126 11.69 -10.47 4.75
CA VAL A 126 11.91 -9.67 5.95
C VAL A 126 11.09 -10.20 7.13
N HIS A 127 10.25 -11.19 6.84
CA HIS A 127 9.44 -11.84 7.85
C HIS A 127 9.08 -13.24 7.40
N ASP A 128 9.67 -14.23 8.06
CA ASP A 128 9.49 -15.64 7.73
C ASP A 128 8.56 -16.25 8.76
N GLY A 129 7.26 -15.98 8.62
CA GLY A 129 6.29 -16.35 9.64
C GLY A 129 5.55 -17.64 9.37
N ARG A 130 4.75 -18.09 10.34
CA ARG A 130 3.99 -19.31 10.21
C ARG A 130 2.95 -19.17 9.11
N THR A 131 2.19 -18.07 9.15
CA THR A 131 1.05 -17.90 8.26
C THR A 131 1.32 -16.89 7.15
N THR A 132 2.25 -15.98 7.39
CA THR A 132 2.60 -15.00 6.35
C THR A 132 4.10 -14.89 6.14
N LYS A 133 4.48 -14.58 4.91
CA LYS A 133 5.84 -14.23 4.59
C LYS A 133 5.74 -12.83 4.03
N VAL A 134 6.65 -11.96 4.46
CA VAL A 134 6.72 -10.64 3.84
C VAL A 134 8.04 -10.49 3.09
N VAL A 135 7.94 -10.03 1.84
CA VAL A 135 9.10 -9.91 0.95
C VAL A 135 9.30 -8.48 0.50
N ASP A 136 10.51 -7.98 0.72
CA ASP A 136 10.94 -6.66 0.29
C ASP A 136 11.61 -6.83 -1.07
N VAL A 137 11.09 -6.16 -2.09
CA VAL A 137 11.64 -6.28 -3.43
C VAL A 137 12.19 -4.96 -3.91
N THR A 138 13.39 -5.00 -4.48
CA THR A 138 14.01 -3.81 -5.04
C THR A 138 14.35 -4.05 -6.49
N VAL A 139 13.99 -3.09 -7.35
CA VAL A 139 14.36 -3.15 -8.77
C VAL A 139 15.34 -2.02 -9.06
N THR A 140 16.51 -2.37 -9.56
CA THR A 140 17.53 -1.38 -9.86
C THR A 140 18.01 -1.50 -11.31
N ASN A 141 18.49 -0.40 -11.88
CA ASN A 141 19.04 -0.44 -13.24
C ASN A 141 20.56 -0.54 -13.26
N GLN A 142 21.14 -0.59 -14.44
CA GLN A 142 22.57 -0.81 -14.56
C GLN A 142 23.38 0.30 -13.97
N LEU A 143 22.83 1.50 -13.99
CA LEU A 143 23.44 2.65 -13.35
C LEU A 143 23.27 2.64 -11.85
N LYS A 144 22.68 1.57 -11.35
CA LYS A 144 22.44 1.35 -9.91
C LYS A 144 21.40 2.29 -9.32
N GLN A 145 20.53 2.81 -10.18
CA GLN A 145 19.42 3.65 -9.75
C GLN A 145 18.24 2.78 -9.36
N GLU A 146 17.54 3.15 -8.30
CA GLU A 146 16.34 2.42 -7.87
C GLU A 146 15.17 2.75 -8.77
N VAL A 147 14.68 1.73 -9.47
CA VAL A 147 13.60 1.87 -10.42
C VAL A 147 12.24 1.67 -9.75
N ALA A 148 12.17 0.70 -8.84
CA ALA A 148 10.94 0.40 -8.14
C ALA A 148 11.25 -0.28 -6.81
N LYS A 149 10.29 -0.17 -5.89
CA LYS A 149 10.41 -0.75 -4.57
C LYS A 149 9.03 -1.31 -4.27
N ALA A 150 8.97 -2.55 -3.80
CA ALA A 150 7.67 -3.16 -3.51
C ALA A 150 7.73 -4.00 -2.26
N THR A 151 6.58 -4.20 -1.63
CA THR A 151 6.48 -5.09 -0.49
C THR A 151 5.34 -6.04 -0.76
N PHE A 152 5.61 -7.33 -0.67
CA PHE A 152 4.60 -8.35 -0.93
C PHE A 152 4.25 -9.08 0.36
N THR A 153 2.96 -9.21 0.66
CA THR A 153 2.54 -10.02 1.79
C THR A 153 1.98 -11.32 1.25
N MET A 154 2.64 -12.42 1.60
CA MET A 154 2.30 -13.73 1.09
C MET A 154 1.59 -14.54 2.16
N PHE A 155 0.55 -15.24 1.77
CA PHE A 155 -0.25 -16.06 2.68
C PHE A 155 0.12 -17.51 2.47
N VAL A 156 0.58 -18.16 3.53
CA VAL A 156 1.12 -19.51 3.43
C VAL A 156 0.01 -20.53 3.23
N THR A 157 0.14 -21.37 2.21
CA THR A 157 -0.88 -22.39 1.93
C THR A 157 -0.41 -23.80 2.30
N GLY A 158 0.89 -23.97 2.51
CA GLY A 158 1.43 -25.27 2.90
C GLY A 158 2.92 -25.42 2.66
N LYS A 159 3.48 -26.56 3.08
CA LYS A 159 4.90 -26.81 2.90
C LYS A 159 5.23 -27.19 1.45
N ARG A 160 6.35 -26.68 0.96
CA ARG A 160 6.72 -26.86 -0.44
C ARG A 160 7.17 -28.29 -0.71
N ASN B 38 -15.97 5.17 -28.50
CA ASN B 38 -14.87 4.28 -28.89
C ASN B 38 -13.91 3.97 -27.73
N HIS B 39 -12.80 4.66 -27.69
CA HIS B 39 -11.91 4.49 -26.58
C HIS B 39 -11.10 3.22 -26.63
N LEU B 40 -10.99 2.68 -27.82
CA LEU B 40 -10.02 1.67 -28.13
C LEU B 40 -8.81 2.51 -28.48
N HIS B 41 -7.62 1.99 -28.36
CA HIS B 41 -6.51 2.82 -28.72
C HIS B 41 -6.22 3.95 -27.77
N GLU B 42 -6.89 4.10 -26.62
CA GLU B 42 -6.42 5.07 -25.64
C GLU B 42 -5.09 4.65 -25.02
N ILE B 43 -4.94 3.35 -24.78
CA ILE B 43 -3.75 2.82 -24.13
C ILE B 43 -3.28 1.56 -24.83
N ARG B 44 -2.03 1.19 -24.64
CA ARG B 44 -1.57 -0.10 -25.14
C ARG B 44 -2.18 -1.21 -24.29
N VAL B 45 -2.75 -2.23 -24.93
CA VAL B 45 -3.42 -3.30 -24.22
C VAL B 45 -2.45 -4.44 -23.98
N PHE B 46 -2.09 -4.66 -22.72
CA PHE B 46 -1.21 -5.77 -22.33
C PHE B 46 -2.00 -6.99 -21.92
N GLU B 47 -3.14 -6.76 -21.27
CA GLU B 47 -4.08 -7.83 -20.98
C GLU B 47 -5.43 -7.46 -21.60
N ASN B 48 -5.92 -8.33 -22.50
CA ASN B 48 -7.17 -8.07 -23.21
C ASN B 48 -8.36 -7.73 -22.30
N PHE B 49 -9.21 -6.83 -22.77
CA PHE B 49 -10.46 -6.55 -22.08
C PHE B 49 -11.44 -6.00 -23.09
N ASP B 50 -12.71 -5.98 -22.71
CA ASP B 50 -13.76 -5.36 -23.49
C ASP B 50 -14.27 -4.12 -22.76
N MET B 51 -14.36 -3.00 -23.48
CA MET B 51 -14.86 -1.76 -22.88
C MET B 51 -16.35 -1.89 -22.57
N VAL B 52 -16.75 -1.50 -21.36
CA VAL B 52 -18.16 -1.54 -20.98
C VAL B 52 -18.73 -0.12 -20.90
N SER B 53 -18.05 0.75 -20.17
CA SER B 53 -18.48 2.14 -20.09
CA SER B 53 -18.50 2.14 -20.00
C SER B 53 -17.30 3.05 -19.80
N PHE B 54 -17.32 4.24 -20.39
CA PHE B 54 -16.24 5.20 -20.26
C PHE B 54 -16.86 6.57 -20.03
N GLU B 55 -16.73 7.07 -18.80
CA GLU B 55 -17.23 8.39 -18.42
C GLU B 55 -16.18 9.13 -17.60
N LYS B 56 -16.39 10.43 -17.39
CA LYS B 56 -15.42 11.22 -16.63
C LYS B 56 -15.23 10.67 -15.24
N GLY B 57 -14.03 10.18 -14.97
CA GLY B 57 -13.67 9.64 -13.67
C GLY B 57 -14.20 8.24 -13.34
N HIS B 58 -14.78 7.56 -14.33
CA HIS B 58 -15.40 6.25 -14.08
C HIS B 58 -15.37 5.37 -15.32
N VAL B 59 -14.57 4.30 -15.26
CA VAL B 59 -14.43 3.40 -16.40
C VAL B 59 -14.68 1.97 -15.97
N ILE B 60 -15.39 1.22 -16.81
CA ILE B 60 -15.69 -0.18 -16.52
C ILE B 60 -15.32 -1.03 -17.72
N VAL B 61 -14.59 -2.12 -17.47
CA VAL B 61 -14.27 -3.08 -18.52
C VAL B 61 -14.47 -4.49 -18.00
N THR B 62 -14.49 -5.44 -18.92
CA THR B 62 -14.70 -6.83 -18.53
C THR B 62 -13.68 -7.71 -19.23
N THR B 63 -13.35 -8.84 -18.62
CA THR B 63 -12.50 -9.81 -19.30
C THR B 63 -12.78 -11.22 -18.81
N GLU B 64 -12.26 -12.21 -19.53
CA GLU B 64 -12.45 -13.60 -19.13
C GLU B 64 -11.09 -14.21 -18.80
N VAL B 65 -11.03 -14.96 -17.70
CA VAL B 65 -9.79 -15.60 -17.31
C VAL B 65 -9.53 -16.81 -18.21
N VAL B 66 -8.43 -16.76 -18.94
CA VAL B 66 -8.05 -17.88 -19.81
C VAL B 66 -6.72 -18.49 -19.36
N ASP B 67 -6.33 -19.58 -20.04
CA ASP B 67 -5.16 -20.33 -19.64
C ASP B 67 -3.90 -19.52 -19.44
N LYS B 68 -3.65 -18.58 -20.37
CA LYS B 68 -2.47 -17.73 -20.35
C LYS B 68 -2.20 -17.08 -18.98
N SER B 69 -3.24 -16.83 -18.19
CA SER B 69 -3.07 -16.09 -16.94
CA SER B 69 -3.09 -16.09 -16.94
C SER B 69 -2.97 -16.98 -15.70
N LEU B 70 -3.08 -18.29 -15.87
CA LEU B 70 -3.07 -19.18 -14.71
C LEU B 70 -1.68 -19.50 -14.19
N ASN B 71 -1.50 -19.45 -12.87
CA ASN B 71 -0.26 -19.96 -12.29
C ASN B 71 -0.40 -21.46 -12.04
N TYR B 72 0.66 -22.08 -11.52
CA TYR B 72 0.63 -23.53 -11.31
C TYR B 72 -0.23 -23.96 -10.12
N TYR B 73 -0.74 -22.98 -9.38
CA TYR B 73 -1.72 -23.27 -8.34
C TYR B 73 -3.14 -23.27 -8.93
N GLY B 74 -3.27 -22.92 -10.22
CA GLY B 74 -4.56 -22.88 -10.87
C GLY B 74 -5.35 -21.57 -10.72
N PHE B 75 -4.67 -20.51 -10.29
CA PHE B 75 -5.30 -19.21 -10.06
C PHE B 75 -4.80 -18.16 -11.04
N ALA B 76 -5.64 -17.16 -11.35
CA ALA B 76 -5.18 -16.03 -12.15
C ALA B 76 -4.04 -15.36 -11.40
N HIS B 77 -2.89 -15.16 -12.04
CA HIS B 77 -1.74 -14.71 -11.27
C HIS B 77 -1.87 -13.26 -10.84
N GLY B 78 -1.16 -12.93 -9.77
CA GLY B 78 -1.29 -11.61 -9.17
C GLY B 78 -0.97 -10.48 -10.14
N GLY B 79 -0.02 -10.72 -11.03
CA GLY B 79 0.40 -9.72 -11.99
C GLY B 79 -0.66 -9.49 -13.06
N TYR B 80 -1.40 -10.53 -13.40
CA TYR B 80 -2.47 -10.41 -14.39
C TYR B 80 -3.57 -9.51 -13.83
N ILE B 81 -4.00 -9.83 -12.61
CA ILE B 81 -5.04 -9.04 -11.97
C ILE B 81 -4.57 -7.60 -11.77
N PHE B 82 -3.33 -7.43 -11.32
CA PHE B 82 -2.77 -6.07 -11.16
C PHE B 82 -2.75 -5.28 -12.48
N THR B 83 -2.34 -5.93 -13.57
CA THR B 83 -2.27 -5.23 -14.84
C THR B 83 -3.66 -4.75 -15.29
N LEU B 84 -4.69 -5.55 -15.07
CA LEU B 84 -6.04 -5.14 -15.44
C LEU B 84 -6.38 -3.85 -14.68
N CYS B 85 -5.94 -3.79 -13.42
CA CYS B 85 -6.23 -2.62 -12.59
C CYS B 85 -5.41 -1.41 -13.01
N ASP B 86 -4.15 -1.63 -13.36
CA ASP B 86 -3.26 -0.56 -13.78
C ASP B 86 -3.76 0.03 -15.11
N GLN B 87 -4.13 -0.84 -16.04
CA GLN B 87 -4.70 -0.39 -17.30
C GLN B 87 -5.91 0.50 -17.08
N ILE B 88 -6.83 0.04 -16.24
CA ILE B 88 -8.03 0.82 -16.02
C ILE B 88 -7.74 2.14 -15.30
N SER B 89 -6.69 2.16 -14.47
CA SER B 89 -6.33 3.41 -13.79
C SER B 89 -5.81 4.45 -14.77
N GLY B 90 -5.11 3.96 -15.79
CA GLY B 90 -4.65 4.83 -16.88
C GLY B 90 -5.84 5.35 -17.66
N LEU B 91 -6.80 4.48 -17.94
CA LEU B 91 -8.03 4.90 -18.61
C LEU B 91 -8.80 5.93 -17.80
N VAL B 92 -8.86 5.72 -16.48
CA VAL B 92 -9.58 6.67 -15.63
C VAL B 92 -8.89 8.03 -15.67
N SER B 93 -7.56 8.04 -15.58
N SER B 93 -7.55 8.01 -15.57
CA SER B 93 -6.89 9.34 -15.67
CA SER B 93 -6.78 9.24 -15.68
C SER B 93 -7.20 10.01 -17.00
C SER B 93 -7.15 9.98 -16.98
N ILE B 94 -7.08 9.26 -18.09
CA ILE B 94 -7.40 9.80 -19.40
C ILE B 94 -8.83 10.36 -19.41
N SER B 95 -9.75 9.67 -18.74
CA SER B 95 -11.14 10.11 -18.70
C SER B 95 -11.32 11.46 -17.98
N THR B 96 -10.37 11.83 -17.12
CA THR B 96 -10.44 13.12 -16.42
C THR B 96 -9.79 14.22 -17.26
N GLY B 97 -9.20 13.83 -18.39
CA GLY B 97 -8.56 14.77 -19.31
C GLY B 97 -7.05 14.88 -19.22
N PHE B 98 -6.39 13.90 -18.62
CA PHE B 98 -4.96 14.01 -18.35
C PHE B 98 -4.19 12.73 -18.62
N ASP B 99 -2.95 12.90 -19.06
CA ASP B 99 -1.98 11.81 -19.07
C ASP B 99 -1.34 11.72 -17.69
N ALA B 100 -1.00 10.50 -17.28
CA ALA B 100 -0.44 10.31 -15.95
C ALA B 100 0.32 9.00 -15.92
N VAL B 101 1.33 8.92 -15.06
CA VAL B 101 2.07 7.68 -14.87
C VAL B 101 1.74 7.13 -13.49
N THR B 102 1.78 5.81 -13.35
CA THR B 102 1.53 5.22 -12.05
C THR B 102 2.71 5.51 -11.15
N LEU B 103 2.41 6.11 -9.99
CA LEU B 103 3.43 6.49 -9.02
C LEU B 103 3.52 5.42 -7.93
N GLN B 104 2.38 4.92 -7.50
CA GLN B 104 2.31 3.99 -6.39
C GLN B 104 1.01 3.23 -6.52
N SER B 105 1.03 1.97 -6.10
CA SER B 105 -0.19 1.20 -6.08
C SER B 105 -0.22 0.21 -4.94
N SER B 106 -1.41 0.02 -4.39
CA SER B 106 -1.65 -0.97 -3.36
CA SER B 106 -1.65 -0.97 -3.36
C SER B 106 -2.79 -1.88 -3.80
N ILE B 107 -2.60 -3.19 -3.68
CA ILE B 107 -3.63 -4.14 -4.09
C ILE B 107 -3.87 -5.24 -3.05
N ASN B 108 -5.13 -5.60 -2.86
CA ASN B 108 -5.51 -6.73 -2.00
C ASN B 108 -6.16 -7.81 -2.84
N TYR B 109 -5.70 -9.04 -2.66
CA TYR B 109 -6.27 -10.18 -3.35
C TYR B 109 -7.21 -10.89 -2.39
N LEU B 110 -8.51 -10.78 -2.65
CA LEU B 110 -9.52 -11.22 -1.69
C LEU B 110 -9.98 -12.66 -1.94
N LYS B 111 -10.11 -13.02 -3.21
CA LYS B 111 -10.58 -14.34 -3.60
C LYS B 111 -9.91 -14.64 -4.93
N SER B 112 -9.58 -15.91 -5.19
CA SER B 112 -8.86 -16.20 -6.42
C SER B 112 -9.74 -16.12 -7.66
N GLY B 113 -9.14 -15.70 -8.78
CA GLY B 113 -9.77 -15.83 -10.08
C GLY B 113 -9.44 -17.20 -10.63
N LYS B 114 -10.43 -17.86 -11.24
CA LYS B 114 -10.25 -19.20 -11.77
C LYS B 114 -10.50 -19.25 -13.27
N LEU B 115 -10.01 -20.28 -13.92
CA LEU B 115 -10.19 -20.47 -15.36
C LEU B 115 -11.66 -20.33 -15.69
N GLY B 116 -11.99 -19.51 -16.69
CA GLY B 116 -13.36 -19.33 -17.13
C GLY B 116 -14.17 -18.27 -16.38
N ASP B 117 -13.59 -17.71 -15.31
CA ASP B 117 -14.27 -16.62 -14.61
C ASP B 117 -14.41 -15.42 -15.53
N THR B 118 -15.50 -14.66 -15.37
CA THR B 118 -15.62 -13.38 -16.05
C THR B 118 -15.42 -12.30 -15.01
N LEU B 119 -14.50 -11.37 -15.25
CA LEU B 119 -14.17 -10.34 -14.27
C LEU B 119 -14.66 -8.99 -14.73
N LEU B 120 -15.32 -8.28 -13.83
CA LEU B 120 -15.76 -6.92 -14.11
C LEU B 120 -14.85 -5.99 -13.32
N ILE B 121 -14.14 -5.10 -14.03
CA ILE B 121 -13.17 -4.22 -13.41
C ILE B 121 -13.69 -2.79 -13.48
N ASP B 122 -13.82 -2.17 -12.32
CA ASP B 122 -14.45 -0.85 -12.21
C ASP B 122 -13.42 0.09 -11.60
N GLY B 123 -13.09 1.17 -12.29
CA GLY B 123 -12.17 2.17 -11.77
C GLY B 123 -12.90 3.49 -11.57
N ARG B 124 -12.72 4.09 -10.39
N ARG B 124 -12.70 4.09 -10.40
CA ARG B 124 -13.34 5.36 -10.10
CA ARG B 124 -13.34 5.35 -10.06
C ARG B 124 -12.34 6.34 -9.50
C ARG B 124 -12.31 6.33 -9.51
N CYS B 125 -12.29 7.54 -10.06
CA CYS B 125 -11.41 8.59 -9.54
C CYS B 125 -11.99 9.14 -8.23
N VAL B 126 -11.21 9.06 -7.15
CA VAL B 126 -11.66 9.58 -5.86
C VAL B 126 -10.91 10.84 -5.46
N HIS B 127 -9.93 11.22 -6.27
CA HIS B 127 -9.24 12.49 -6.09
C HIS B 127 -8.72 12.95 -7.44
N ASP B 128 -9.26 14.08 -7.90
CA ASP B 128 -8.98 14.56 -9.23
C ASP B 128 -8.13 15.82 -9.08
N GLY B 129 -6.87 15.61 -8.71
CA GLY B 129 -5.99 16.71 -8.36
C GLY B 129 -5.16 17.31 -9.50
N ARG B 130 -4.58 18.47 -9.23
CA ARG B 130 -3.71 19.11 -10.21
C ARG B 130 -2.51 18.23 -10.56
N THR B 131 -1.87 17.66 -9.54
CA THR B 131 -0.65 16.89 -9.74
C THR B 131 -0.84 15.37 -9.56
N THR B 132 -1.87 14.98 -8.80
CA THR B 132 -2.12 13.55 -8.61
C THR B 132 -3.58 13.20 -8.85
N LYS B 133 -3.80 11.98 -9.34
CA LYS B 133 -5.14 11.41 -9.38
C LYS B 133 -5.06 10.17 -8.53
N VAL B 134 -6.10 9.90 -7.75
CA VAL B 134 -6.16 8.64 -7.02
C VAL B 134 -7.37 7.88 -7.53
N VAL B 135 -7.15 6.61 -7.88
CA VAL B 135 -8.18 5.79 -8.48
C VAL B 135 -8.41 4.53 -7.64
N ASP B 136 -9.68 4.29 -7.30
CA ASP B 136 -10.10 3.07 -6.63
C ASP B 136 -10.53 2.05 -7.69
N VAL B 137 -10.01 0.84 -7.62
CA VAL B 137 -10.39 -0.18 -8.59
C VAL B 137 -10.94 -1.40 -7.86
N THR B 138 -12.04 -1.96 -8.38
CA THR B 138 -12.54 -3.23 -7.87
C THR B 138 -12.60 -4.26 -9.00
N VAL B 139 -12.41 -5.52 -8.66
CA VAL B 139 -12.48 -6.61 -9.61
C VAL B 139 -13.48 -7.59 -9.03
N THR B 140 -14.56 -7.90 -9.76
CA THR B 140 -15.67 -8.68 -9.26
CA THR B 140 -15.61 -8.76 -9.23
C THR B 140 -15.96 -9.82 -10.24
N ASN B 141 -16.29 -11.01 -9.73
CA ASN B 141 -16.65 -12.11 -10.62
C ASN B 141 -18.16 -12.16 -10.89
N GLN B 142 -18.57 -13.12 -11.71
CA GLN B 142 -19.95 -13.24 -12.18
C GLN B 142 -20.89 -13.57 -10.98
N LEU B 143 -20.38 -14.12 -9.86
CA LEU B 143 -21.14 -14.40 -8.66
C LEU B 143 -21.21 -13.15 -7.79
N LYS B 144 -20.73 -12.04 -8.33
CA LYS B 144 -20.68 -10.78 -7.61
C LYS B 144 -19.88 -10.88 -6.31
N GLN B 145 -18.85 -11.73 -6.34
CA GLN B 145 -17.90 -11.80 -5.24
C GLN B 145 -16.70 -10.94 -5.58
N GLU B 146 -16.20 -10.18 -4.61
CA GLU B 146 -15.05 -9.33 -4.88
CA GLU B 146 -15.05 -9.33 -4.86
C GLU B 146 -13.78 -10.18 -4.93
N VAL B 147 -13.07 -10.09 -6.05
CA VAL B 147 -11.86 -10.87 -6.29
C VAL B 147 -10.64 -10.08 -5.82
N ALA B 148 -10.64 -8.79 -6.12
CA ALA B 148 -9.50 -7.96 -5.76
C ALA B 148 -9.92 -6.51 -5.64
N LYS B 149 -9.14 -5.74 -4.90
CA LYS B 149 -9.38 -4.30 -4.82
C LYS B 149 -8.04 -3.59 -4.76
N ALA B 150 -7.96 -2.44 -5.41
CA ALA B 150 -6.69 -1.73 -5.48
C ALA B 150 -6.87 -0.24 -5.44
N THR B 151 -5.81 0.45 -5.03
CA THR B 151 -5.78 1.91 -5.10
C THR B 151 -4.54 2.32 -5.85
N PHE B 152 -4.71 3.14 -6.88
CA PHE B 152 -3.59 3.62 -7.68
C PHE B 152 -3.40 5.12 -7.48
N THR B 153 -2.16 5.53 -7.24
CA THR B 153 -1.83 6.95 -7.15
C THR B 153 -1.11 7.28 -8.44
N MET B 154 -1.65 8.23 -9.19
CA MET B 154 -1.16 8.55 -10.52
C MET B 154 -0.54 9.95 -10.49
N PHE B 155 0.59 10.10 -11.15
CA PHE B 155 1.27 11.39 -11.23
C PHE B 155 1.00 12.01 -12.59
N VAL B 156 0.39 13.20 -12.58
CA VAL B 156 -0.05 13.84 -13.82
C VAL B 156 1.15 14.37 -14.61
N THR B 157 1.20 14.03 -15.90
CA THR B 157 2.32 14.49 -16.73
C THR B 157 1.92 15.53 -17.78
N GLY B 158 0.62 15.69 -18.02
CA GLY B 158 0.18 16.69 -18.98
C GLY B 158 -1.31 16.59 -19.27
N LYS B 159 -1.82 17.58 -19.99
CA LYS B 159 -3.21 17.58 -20.43
C LYS B 159 -3.34 16.73 -21.68
N ARG B 160 -4.42 15.95 -21.75
CA ARG B 160 -4.59 14.95 -22.81
C ARG B 160 -4.81 15.58 -24.18
N LYS B 161 -4.20 14.97 -25.19
CA LYS B 161 -4.42 15.32 -26.60
C LYS B 161 -4.71 16.80 -26.81
N HIS C 39 18.79 18.86 15.51
CA HIS C 39 17.65 18.48 14.69
C HIS C 39 16.46 18.09 15.55
N LEU C 40 16.51 18.48 16.82
CA LEU C 40 15.45 18.15 17.77
C LEU C 40 14.21 19.02 17.57
N HIS C 41 14.30 20.04 16.73
CA HIS C 41 13.20 21.00 16.58
C HIS C 41 12.77 21.20 15.14
N GLU C 42 12.99 20.19 14.30
CA GLU C 42 12.61 20.25 12.90
C GLU C 42 11.12 20.03 12.72
N ILE C 43 10.55 19.15 13.55
CA ILE C 43 9.16 18.73 13.40
C ILE C 43 8.44 18.74 14.74
N ARG C 44 7.12 18.80 14.69
CA ARG C 44 6.37 18.65 15.92
C ARG C 44 6.40 17.17 16.29
N VAL C 45 6.67 16.87 17.56
CA VAL C 45 6.80 15.49 17.99
C VAL C 45 5.52 14.99 18.66
N PHE C 46 4.90 14.00 18.03
CA PHE C 46 3.66 13.44 18.54
C PHE C 46 3.90 12.17 19.35
N GLU C 47 4.90 11.40 18.95
CA GLU C 47 5.36 10.25 19.74
C GLU C 47 6.85 10.43 19.98
N ASN C 48 7.25 10.37 21.26
CA ASN C 48 8.61 10.67 21.66
C ASN C 48 9.67 9.73 21.10
N PHE C 49 10.85 10.27 20.86
CA PHE C 49 11.97 9.49 20.38
C PHE C 49 13.27 10.23 20.70
N ASP C 50 14.37 9.48 20.69
CA ASP C 50 15.69 10.05 20.86
C ASP C 50 16.43 9.93 19.54
N MET C 51 17.06 11.02 19.12
CA MET C 51 17.81 11.03 17.86
C MET C 51 19.07 10.18 17.97
N VAL C 52 19.25 9.25 17.03
CA VAL C 52 20.48 8.47 16.98
C VAL C 52 21.47 9.09 15.99
N SER C 53 20.99 9.34 14.78
CA SER C 53 21.81 10.00 13.77
C SER C 53 20.98 10.70 12.70
N PHE C 54 21.51 11.79 12.17
CA PHE C 54 20.81 12.57 11.15
C PHE C 54 21.79 12.93 10.03
N GLU C 55 21.64 12.26 8.89
CA GLU C 55 22.44 12.56 7.71
C GLU C 55 21.53 12.78 6.52
N LYS C 56 22.10 13.33 5.44
CA LYS C 56 21.35 13.57 4.23
C LYS C 56 20.78 12.25 3.72
N GLY C 57 19.45 12.14 3.75
CA GLY C 57 18.76 11.00 3.21
C GLY C 57 18.68 9.80 4.13
N HIS C 58 19.12 9.98 5.37
CA HIS C 58 19.20 8.86 6.30
C HIS C 58 19.14 9.32 7.75
N VAL C 59 18.01 9.02 8.39
CA VAL C 59 17.80 9.38 9.78
C VAL C 59 17.47 8.14 10.60
N ILE C 60 18.02 8.08 11.81
CA ILE C 60 17.78 6.98 12.74
C ILE C 60 17.41 7.56 14.10
N VAL C 61 16.33 7.03 14.69
CA VAL C 61 15.91 7.42 16.03
C VAL C 61 15.57 6.17 16.81
N THR C 62 15.46 6.30 18.13
CA THR C 62 15.15 5.16 18.96
C THR C 62 14.11 5.55 19.97
N THR C 63 13.36 4.57 20.47
CA THR C 63 12.43 4.85 21.54
C THR C 63 12.07 3.59 22.32
N GLU C 64 11.33 3.79 23.41
CA GLU C 64 10.93 2.72 24.29
C GLU C 64 9.42 2.59 24.29
N VAL C 65 8.91 1.37 24.16
CA VAL C 65 7.46 1.18 24.25
C VAL C 65 7.01 1.28 25.70
N VAL C 66 6.15 2.25 25.97
CA VAL C 66 5.60 2.44 27.31
C VAL C 66 4.10 2.17 27.31
N ASP C 67 3.51 2.08 28.49
CA ASP C 67 2.15 1.58 28.57
C ASP C 67 1.14 2.42 27.79
N LYS C 68 1.40 3.72 27.70
CA LYS C 68 0.50 4.65 27.03
C LYS C 68 0.14 4.18 25.62
N SER C 69 1.04 3.43 24.99
N SER C 69 1.03 3.42 25.01
CA SER C 69 0.85 3.04 23.60
CA SER C 69 0.85 3.05 23.61
C SER C 69 0.15 1.71 23.42
C SER C 69 0.25 1.67 23.41
N LEU C 70 -0.05 0.98 24.50
CA LEU C 70 -0.55 -0.42 24.40
C LEU C 70 -2.04 -0.50 24.20
N ASN C 71 -2.48 -1.27 23.20
CA ASN C 71 -3.91 -1.55 23.05
C ASN C 71 -4.39 -2.64 24.01
N TYR C 72 -5.65 -3.03 23.92
CA TYR C 72 -6.21 -4.01 24.85
C TYR C 72 -5.60 -5.41 24.66
N TYR C 73 -4.86 -5.59 23.56
CA TYR C 73 -4.21 -6.87 23.30
C TYR C 73 -2.78 -6.88 23.86
N GLY C 74 -2.35 -5.75 24.43
CA GLY C 74 -1.03 -5.66 25.01
C GLY C 74 0.07 -5.34 24.00
N PHE C 75 -0.32 -4.84 22.83
CA PHE C 75 0.64 -4.52 21.77
C PHE C 75 0.68 -3.03 21.52
N ALA C 76 1.85 -2.52 21.14
CA ALA C 76 1.96 -1.12 20.72
C ALA C 76 1.03 -0.94 19.52
N HIS C 77 0.12 0.03 19.61
CA HIS C 77 -0.94 0.11 18.61
C HIS C 77 -0.42 0.57 17.24
N GLY C 78 -1.15 0.17 16.20
CA GLY C 78 -0.67 0.39 14.85
C GLY C 78 -0.39 1.86 14.56
N GLY C 79 -1.19 2.73 15.15
CA GLY C 79 -1.06 4.16 14.90
C GLY C 79 0.19 4.73 15.56
N TYR C 80 0.61 4.12 16.66
CA TYR C 80 1.81 4.56 17.35
C TYR C 80 3.04 4.24 16.50
N ILE C 81 3.12 2.99 16.06
CA ILE C 81 4.21 2.60 15.16
C ILE C 81 4.20 3.44 13.89
N PHE C 82 3.02 3.60 13.29
CA PHE C 82 2.93 4.38 12.07
C PHE C 82 3.41 5.81 12.27
N THR C 83 3.02 6.41 13.40
CA THR C 83 3.43 7.79 13.66
C THR C 83 4.96 7.92 13.78
N LEU C 84 5.59 6.95 14.44
CA LEU C 84 7.06 6.98 14.51
C LEU C 84 7.65 7.02 13.10
N CYS C 85 7.07 6.21 12.21
CA CYS C 85 7.55 6.12 10.83
C CYS C 85 7.24 7.39 10.02
N ASP C 86 6.08 7.99 10.28
CA ASP C 86 5.67 9.17 9.56
C ASP C 86 6.57 10.33 9.99
N GLN C 87 6.83 10.42 11.30
CA GLN C 87 7.75 11.43 11.81
C GLN C 87 9.13 11.30 11.17
N ILE C 88 9.67 10.09 11.13
CA ILE C 88 11.02 9.97 10.59
C ILE C 88 11.02 10.22 9.08
N SER C 89 9.90 9.95 8.41
CA SER C 89 9.83 10.26 6.98
C SER C 89 9.88 11.76 6.73
N GLY C 90 9.24 12.53 7.60
CA GLY C 90 9.34 13.98 7.59
C GLY C 90 10.79 14.43 7.81
N LEU C 91 11.46 13.86 8.80
CA LEU C 91 12.86 14.20 9.06
C LEU C 91 13.75 13.83 7.87
N VAL C 92 13.48 12.69 7.24
CA VAL C 92 14.29 12.31 6.08
C VAL C 92 14.10 13.32 4.94
N SER C 93 12.87 13.73 4.69
N SER C 93 12.86 13.73 4.71
CA SER C 93 12.63 14.71 3.64
CA SER C 93 12.56 14.72 3.68
C SER C 93 13.37 16.00 3.98
C SER C 93 13.28 16.04 3.96
N ILE C 94 13.25 16.46 5.22
CA ILE C 94 13.94 17.69 5.62
C ILE C 94 15.45 17.53 5.40
N SER C 95 15.95 16.33 5.69
CA SER C 95 17.38 16.07 5.53
C SER C 95 17.86 16.19 4.09
N THR C 96 16.96 16.03 3.12
CA THR C 96 17.33 16.16 1.69
C THR C 96 17.24 17.61 1.25
N GLY C 97 16.68 18.47 2.11
CA GLY C 97 16.62 19.88 1.84
C GLY C 97 15.23 20.41 1.50
N PHE C 98 14.19 19.63 1.79
CA PHE C 98 12.84 19.98 1.37
C PHE C 98 11.75 19.78 2.41
N ASP C 99 10.74 20.65 2.35
CA ASP C 99 9.50 20.44 3.07
C ASP C 99 8.62 19.55 2.22
N ALA C 100 7.85 18.67 2.86
CA ALA C 100 6.97 17.77 2.13
C ALA C 100 5.81 17.36 3.01
N VAL C 101 4.70 16.98 2.38
CA VAL C 101 3.59 16.40 3.12
C VAL C 101 3.43 14.94 2.69
N THR C 102 2.98 14.09 3.61
CA THR C 102 2.77 12.70 3.27
C THR C 102 1.62 12.56 2.27
N LEU C 103 1.89 11.86 1.17
CA LEU C 103 0.92 11.68 0.11
C LEU C 103 0.28 10.31 0.20
N GLN C 104 1.11 9.32 0.49
CA GLN C 104 0.65 7.93 0.54
C GLN C 104 1.62 7.17 1.42
N SER C 105 1.11 6.18 2.15
CA SER C 105 1.99 5.33 2.93
C SER C 105 1.49 3.91 3.00
N SER C 106 2.41 2.95 2.98
CA SER C 106 2.08 1.54 3.22
C SER C 106 2.93 1.03 4.36
N ILE C 107 2.31 0.26 5.24
CA ILE C 107 3.05 -0.29 6.40
C ILE C 107 2.67 -1.75 6.61
N ASN C 108 3.67 -2.56 6.93
CA ASN C 108 3.47 -3.94 7.35
C ASN C 108 3.89 -4.09 8.79
N TYR C 109 3.02 -4.70 9.58
CA TYR C 109 3.31 -5.02 10.97
C TYR C 109 3.74 -6.49 11.05
N LEU C 110 5.04 -6.68 11.25
CA LEU C 110 5.68 -8.00 11.17
C LEU C 110 5.68 -8.75 12.49
N LYS C 111 5.93 -7.99 13.56
CA LYS C 111 6.02 -8.55 14.90
C LYS C 111 5.52 -7.48 15.85
N SER C 112 4.82 -7.86 16.90
CA SER C 112 4.25 -6.87 17.81
C SER C 112 5.30 -6.19 18.67
N GLY C 113 5.05 -4.91 18.96
CA GLY C 113 5.86 -4.18 19.93
C GLY C 113 5.23 -4.42 21.28
N LYS C 114 6.04 -4.77 22.27
CA LYS C 114 5.51 -5.08 23.59
C LYS C 114 6.09 -4.12 24.63
N LEU C 115 5.42 -4.03 25.77
CA LEU C 115 5.85 -3.14 26.83
C LEU C 115 7.32 -3.33 27.11
N GLY C 116 8.07 -2.24 27.11
CA GLY C 116 9.47 -2.27 27.46
C GLY C 116 10.42 -2.48 26.28
N ASP C 117 9.87 -2.87 25.13
CA ASP C 117 10.70 -3.03 23.94
C ASP C 117 11.43 -1.73 23.61
N THR C 118 12.67 -1.84 23.15
CA THR C 118 13.37 -0.70 22.58
C THR C 118 13.27 -0.80 21.08
N LEU C 119 12.72 0.24 20.45
CA LEU C 119 12.55 0.24 18.99
C LEU C 119 13.60 1.11 18.33
N LEU C 120 14.19 0.59 17.25
CA LEU C 120 15.11 1.36 16.44
C LEU C 120 14.40 1.63 15.13
N ILE C 121 14.25 2.92 14.80
CA ILE C 121 13.52 3.34 13.61
C ILE C 121 14.49 3.99 12.62
N ASP C 122 14.64 3.35 11.47
CA ASP C 122 15.61 3.78 10.46
C ASP C 122 14.90 4.20 9.19
N GLY C 123 15.09 5.46 8.80
CA GLY C 123 14.48 5.98 7.58
C GLY C 123 15.52 6.32 6.53
N ARG C 124 15.33 5.77 5.34
CA ARG C 124 16.28 5.96 4.24
C ARG C 124 15.54 6.46 2.99
N CYS C 125 16.01 7.55 2.42
CA CYS C 125 15.43 8.03 1.17
C CYS C 125 15.89 7.15 0.03
N VAL C 126 14.94 6.54 -0.67
CA VAL C 126 15.27 5.65 -1.80
C VAL C 126 14.99 6.33 -3.14
N HIS C 127 14.46 7.55 -3.07
CA HIS C 127 14.19 8.34 -4.26
C HIS C 127 14.12 9.81 -3.87
N ASP C 128 15.12 10.56 -4.31
CA ASP C 128 15.25 11.98 -3.96
C ASP C 128 14.85 12.81 -5.18
N GLY C 129 13.53 12.90 -5.40
CA GLY C 129 13.01 13.48 -6.63
C GLY C 129 12.61 14.93 -6.52
N ARG C 130 12.32 15.53 -7.67
CA ARG C 130 11.90 16.92 -7.73
C ARG C 130 10.59 17.13 -6.97
N THR C 131 9.60 16.30 -7.28
CA THR C 131 8.26 16.46 -6.73
C THR C 131 7.93 15.45 -5.63
N THR C 132 8.59 14.29 -5.64
CA THR C 132 8.34 13.31 -4.58
C THR C 132 9.63 12.81 -3.96
N LYS C 133 9.56 12.49 -2.68
CA LYS C 133 10.63 11.76 -2.02
C LYS C 133 9.98 10.48 -1.59
N VAL C 134 10.69 9.37 -1.73
CA VAL C 134 10.19 8.12 -1.19
C VAL C 134 11.13 7.64 -0.09
N VAL C 135 10.56 7.31 1.06
CA VAL C 135 11.34 6.90 2.23
C VAL C 135 10.99 5.48 2.65
N ASP C 136 12.02 4.65 2.76
CA ASP C 136 11.89 3.29 3.25
C ASP C 136 12.20 3.30 4.75
N VAL C 137 11.25 2.84 5.57
CA VAL C 137 11.42 2.85 7.01
C VAL C 137 11.42 1.44 7.58
N THR C 138 12.36 1.17 8.47
CA THR C 138 12.45 -0.12 9.11
C THR C 138 12.40 0.06 10.62
N VAL C 139 11.59 -0.74 11.30
CA VAL C 139 11.53 -0.72 12.75
C VAL C 139 12.03 -2.06 13.26
N THR C 140 13.06 -2.04 14.10
CA THR C 140 13.63 -3.27 14.63
C THR C 140 13.71 -3.20 16.17
N ASN C 141 13.70 -4.36 16.80
CA ASN C 141 13.83 -4.43 18.23
C ASN C 141 15.25 -4.76 18.71
N GLN C 142 15.45 -4.75 20.01
CA GLN C 142 16.78 -4.97 20.58
C GLN C 142 17.39 -6.25 20.11
N LEU C 143 16.55 -7.24 19.91
CA LEU C 143 16.96 -8.53 19.46
C LEU C 143 17.22 -8.58 17.98
N LYS C 144 17.11 -7.42 17.34
CA LYS C 144 17.40 -7.23 15.92
C LYS C 144 16.32 -7.84 15.00
N GLN C 145 15.15 -8.11 15.56
CA GLN C 145 14.05 -8.64 14.78
C GLN C 145 13.29 -7.49 14.12
N GLU C 146 12.82 -7.69 12.90
CA GLU C 146 12.05 -6.65 12.21
C GLU C 146 10.63 -6.59 12.76
N VAL C 147 10.27 -5.44 13.30
CA VAL C 147 8.96 -5.24 13.92
C VAL C 147 7.97 -4.70 12.90
N ALA C 148 8.42 -3.79 12.05
CA ALA C 148 7.57 -3.18 11.04
C ALA C 148 8.40 -2.64 9.89
N LYS C 149 7.78 -2.56 8.72
CA LYS C 149 8.42 -2.01 7.55
C LYS C 149 7.40 -1.14 6.86
N ALA C 150 7.82 0.04 6.43
CA ALA C 150 6.88 0.97 5.82
C ALA C 150 7.53 1.71 4.67
N THR C 151 6.71 2.20 3.74
CA THR C 151 7.21 3.02 2.67
C THR C 151 6.34 4.26 2.66
N PHE C 152 6.98 5.42 2.69
CA PHE C 152 6.26 6.69 2.69
C PHE C 152 6.53 7.44 1.40
N THR C 153 5.47 7.92 0.74
CA THR C 153 5.63 8.77 -0.43
C THR C 153 5.31 10.21 -0.02
N MET C 154 6.34 11.05 -0.06
CA MET C 154 6.23 12.44 0.35
C MET C 154 6.09 13.35 -0.86
N PHE C 155 5.20 14.33 -0.75
CA PHE C 155 4.96 15.29 -1.83
C PHE C 155 5.65 16.60 -1.48
N VAL C 156 6.58 17.04 -2.32
CA VAL C 156 7.40 18.19 -1.99
C VAL C 156 6.60 19.48 -2.08
N THR C 157 6.67 20.30 -1.04
CA THR C 157 5.93 21.55 -1.04
C THR C 157 6.86 22.76 -1.20
N GLY C 158 8.17 22.55 -1.05
CA GLY C 158 9.12 23.65 -1.19
C GLY C 158 10.47 23.37 -0.57
N LYS C 159 11.43 24.28 -0.81
CA LYS C 159 12.77 24.14 -0.24
C LYS C 159 12.77 24.47 1.26
N ARG C 160 13.55 23.71 2.02
CA ARG C 160 13.59 23.87 3.47
C ARG C 160 14.45 25.06 3.85
N ASN D 38 -22.54 2.16 24.81
CA ASN D 38 -22.65 0.99 23.95
C ASN D 38 -21.59 0.97 22.84
N HIS D 39 -20.70 -0.01 22.91
CA HIS D 39 -19.54 -0.09 22.02
C HIS D 39 -18.51 0.99 22.36
N LEU D 40 -18.68 1.58 23.54
CA LEU D 40 -17.78 2.62 24.02
C LEU D 40 -16.49 2.04 24.63
N HIS D 41 -16.53 0.76 24.98
CA HIS D 41 -15.36 0.13 25.58
C HIS D 41 -14.83 -1.03 24.77
N GLU D 42 -15.06 -1.01 23.45
CA GLU D 42 -14.60 -2.12 22.60
C GLU D 42 -13.08 -2.10 22.43
N ILE D 43 -12.51 -0.90 22.33
CA ILE D 43 -11.08 -0.74 22.09
C ILE D 43 -10.52 0.39 22.94
N ARG D 44 -9.21 0.39 23.16
CA ARG D 44 -8.59 1.53 23.81
C ARG D 44 -8.59 2.71 22.85
N VAL D 45 -9.02 3.88 23.34
CA VAL D 45 -9.13 5.06 22.50
C VAL D 45 -7.85 5.85 22.60
N PHE D 46 -7.10 5.90 21.50
CA PHE D 46 -5.87 6.69 21.41
C PHE D 46 -6.14 8.07 20.85
N GLU D 47 -7.06 8.15 19.88
CA GLU D 47 -7.54 9.43 19.38
C GLU D 47 -9.05 9.48 19.59
N ASN D 48 -9.53 10.50 20.31
CA ASN D 48 -10.95 10.62 20.63
C ASN D 48 -11.87 10.59 19.42
N PHE D 49 -13.05 10.00 19.60
CA PHE D 49 -14.07 10.04 18.57
C PHE D 49 -15.42 9.82 19.24
N ASP D 50 -16.48 10.14 18.51
CA ASP D 50 -17.84 9.85 18.94
C ASP D 50 -18.45 8.79 18.02
N MET D 51 -19.03 7.77 18.63
CA MET D 51 -19.67 6.70 17.87
C MET D 51 -20.91 7.25 17.18
N VAL D 52 -21.06 6.94 15.89
CA VAL D 52 -22.24 7.35 15.13
C VAL D 52 -23.13 6.14 14.84
N SER D 53 -22.52 5.08 14.30
CA SER D 53 -23.27 3.84 14.08
C SER D 53 -22.36 2.63 14.08
N PHE D 54 -22.90 1.52 14.57
CA PHE D 54 -22.12 0.30 14.72
C PHE D 54 -23.00 -0.84 14.25
N GLU D 55 -22.68 -1.41 13.09
CA GLU D 55 -23.41 -2.56 12.55
C GLU D 55 -22.41 -3.60 12.04
N LYS D 56 -22.91 -4.79 11.73
CA LYS D 56 -22.02 -5.86 11.25
C LYS D 56 -21.31 -5.41 9.99
N GLY D 57 -19.98 -5.31 10.08
CA GLY D 57 -19.14 -4.95 8.95
C GLY D 57 -19.15 -3.49 8.55
N HIS D 58 -19.77 -2.62 9.36
CA HIS D 58 -19.91 -1.20 8.98
C HIS D 58 -19.99 -0.32 10.22
N VAL D 59 -18.93 0.45 10.45
CA VAL D 59 -18.87 1.33 11.61
C VAL D 59 -18.59 2.76 11.17
N ILE D 60 -19.26 3.72 11.79
CA ILE D 60 -19.06 5.13 11.49
C ILE D 60 -18.83 5.90 12.78
N VAL D 61 -17.77 6.72 12.81
CA VAL D 61 -17.52 7.60 13.95
C VAL D 61 -17.18 9.00 13.47
N THR D 62 -17.20 9.95 14.39
CA THR D 62 -16.92 11.32 14.03
C THR D 62 -15.93 11.92 15.02
N THR D 63 -15.14 12.89 14.57
CA THR D 63 -14.26 13.61 15.47
C THR D 63 -14.00 15.04 15.00
N GLU D 64 -13.44 15.85 15.87
N GLU D 64 -13.44 15.87 15.87
CA GLU D 64 -13.09 17.22 15.51
CA GLU D 64 -13.13 17.26 15.52
C GLU D 64 -11.59 17.36 15.54
C GLU D 64 -11.63 17.50 15.62
N VAL D 65 -11.04 18.10 14.59
CA VAL D 65 -9.60 18.34 14.57
C VAL D 65 -9.27 19.47 15.54
N VAL D 66 -8.44 19.15 16.54
CA VAL D 66 -8.06 20.15 17.53
C VAL D 66 -6.56 20.37 17.53
N ASP D 67 -6.09 21.32 18.34
CA ASP D 67 -4.69 21.71 18.32
C ASP D 67 -3.70 20.56 18.45
N LYS D 68 -4.01 19.64 19.35
CA LYS D 68 -3.14 18.51 19.64
C LYS D 68 -2.68 17.73 18.40
N SER D 69 -3.47 17.75 17.34
CA SER D 69 -3.16 16.92 16.17
CA SER D 69 -3.19 16.93 16.16
C SER D 69 -2.47 17.68 15.04
N LEU D 70 -2.28 18.98 15.21
CA LEU D 70 -1.69 19.77 14.14
C LEU D 70 -0.17 19.69 14.07
N ASN D 71 0.37 19.53 12.84
CA ASN D 71 1.81 19.65 12.65
C ASN D 71 2.17 21.12 12.43
N TYR D 72 3.45 21.40 12.23
CA TYR D 72 3.88 22.79 12.08
C TYR D 72 3.55 23.39 10.71
N TYR D 73 3.01 22.58 9.81
CA TYR D 73 2.49 23.12 8.56
C TYR D 73 1.02 23.52 8.73
N GLY D 74 0.47 23.27 9.92
CA GLY D 74 -0.92 23.60 10.20
C GLY D 74 -1.96 22.56 9.78
N PHE D 75 -1.50 21.34 9.49
CA PHE D 75 -2.38 20.26 9.06
C PHE D 75 -2.48 19.14 10.09
N ALA D 76 -3.63 18.46 10.11
CA ALA D 76 -3.78 17.27 10.94
C ALA D 76 -2.70 16.28 10.54
N HIS D 77 -1.88 15.81 11.48
CA HIS D 77 -0.73 15.01 11.06
C HIS D 77 -1.12 13.64 10.54
N GLY D 78 -0.27 13.07 9.71
CA GLY D 78 -0.58 11.81 9.04
C GLY D 78 -0.89 10.70 10.02
N GLY D 79 -0.18 10.68 11.15
CA GLY D 79 -0.36 9.64 12.15
C GLY D 79 -1.69 9.75 12.87
N TYR D 80 -2.19 10.96 13.01
CA TYR D 80 -3.50 11.20 13.64
C TYR D 80 -4.58 10.61 12.75
N ILE D 81 -4.56 10.99 11.48
CA ILE D 81 -5.56 10.51 10.54
CA ILE D 81 -5.55 10.50 10.53
C ILE D 81 -5.47 8.97 10.43
N PHE D 82 -4.25 8.46 10.35
CA PHE D 82 -4.06 7.01 10.28
C PHE D 82 -4.62 6.29 11.52
N THR D 83 -4.38 6.84 12.70
CA THR D 83 -4.88 6.21 13.92
C THR D 83 -6.41 6.15 13.95
N LEU D 84 -7.07 7.21 13.48
CA LEU D 84 -8.53 7.17 13.42
C LEU D 84 -8.96 6.00 12.55
N CYS D 85 -8.25 5.78 11.45
CA CYS D 85 -8.62 4.70 10.53
C CYS D 85 -8.31 3.32 11.11
N ASP D 86 -7.19 3.23 11.83
CA ASP D 86 -6.78 1.96 12.44
C ASP D 86 -7.77 1.58 13.55
N GLN D 87 -8.14 2.56 14.38
CA GLN D 87 -9.15 2.32 15.41
C GLN D 87 -10.44 1.80 14.79
N ILE D 88 -10.90 2.46 13.74
CA ILE D 88 -12.17 2.05 13.15
C ILE D 88 -12.07 0.67 12.49
N SER D 89 -10.87 0.33 12.03
CA SER D 89 -10.70 -1.00 11.41
C SER D 89 -10.81 -2.10 12.47
N GLY D 90 -10.29 -1.83 13.66
CA GLY D 90 -10.45 -2.75 14.77
C GLY D 90 -11.90 -2.88 15.16
N LEU D 91 -12.62 -1.76 15.18
CA LEU D 91 -14.06 -1.77 15.47
C LEU D 91 -14.83 -2.58 14.42
N VAL D 92 -14.45 -2.42 13.15
CA VAL D 92 -15.14 -3.16 12.10
C VAL D 92 -14.87 -4.64 12.27
N SER D 93 -13.64 -5.01 12.60
CA SER D 93 -13.31 -6.42 12.85
CA SER D 93 -13.36 -6.43 12.81
C SER D 93 -14.19 -6.96 13.96
N ILE D 94 -14.24 -6.22 15.06
CA ILE D 94 -15.05 -6.63 16.20
C ILE D 94 -16.53 -6.78 15.80
N SER D 95 -16.99 -5.89 14.93
CA SER D 95 -18.39 -5.91 14.49
C SER D 95 -18.73 -7.17 13.68
N THR D 96 -17.72 -7.82 13.10
CA THR D 96 -17.95 -9.06 12.36
C THR D 96 -17.88 -10.27 13.30
N GLY D 97 -17.52 -10.01 14.55
CA GLY D 97 -17.47 -11.03 15.58
C GLY D 97 -16.09 -11.58 15.93
N PHE D 98 -15.05 -10.84 15.58
CA PHE D 98 -13.69 -11.37 15.73
C PHE D 98 -12.68 -10.37 16.25
N ASP D 99 -11.73 -10.86 17.03
CA ASP D 99 -10.55 -10.09 17.39
C ASP D 99 -9.54 -10.23 16.26
N ALA D 100 -8.82 -9.15 15.97
CA ALA D 100 -7.85 -9.16 14.88
C ALA D 100 -6.77 -8.12 15.14
N VAL D 101 -5.60 -8.38 14.60
CA VAL D 101 -4.50 -7.40 14.66
C VAL D 101 -4.25 -6.85 13.27
N THR D 102 -3.81 -5.60 13.20
CA THR D 102 -3.49 -5.03 11.91
C THR D 102 -2.23 -5.67 11.35
N LEU D 103 -2.36 -6.23 10.14
CA LEU D 103 -1.24 -6.89 9.46
C LEU D 103 -0.56 -5.93 8.48
N GLN D 104 -1.36 -5.15 7.78
CA GLN D 104 -0.85 -4.28 6.74
C GLN D 104 -1.87 -3.18 6.53
N SER D 105 -1.39 -1.99 6.19
CA SER D 105 -2.29 -0.92 5.86
C SER D 105 -1.72 -0.01 4.79
N SER D 106 -2.59 0.50 3.93
CA SER D 106 -2.20 1.50 2.94
C SER D 106 -3.13 2.69 3.09
N ILE D 107 -2.57 3.89 3.09
CA ILE D 107 -3.39 5.10 3.22
C ILE D 107 -3.00 6.14 2.18
N ASN D 108 -4.00 6.85 1.67
CA ASN D 108 -3.77 7.99 0.78
C ASN D 108 -4.32 9.23 1.44
N TYR D 109 -3.52 10.28 1.43
CA TYR D 109 -3.92 11.57 1.99
C TYR D 109 -4.30 12.47 0.83
N LEU D 110 -5.59 12.74 0.68
CA LEU D 110 -6.12 13.42 -0.51
C LEU D 110 -6.21 14.93 -0.33
N LYS D 111 -6.57 15.34 0.88
CA LYS D 111 -6.76 16.74 1.19
C LYS D 111 -6.44 16.93 2.66
N SER D 112 -5.84 18.06 3.04
CA SER D 112 -5.45 18.21 4.44
C SER D 112 -6.64 18.42 5.38
N GLY D 113 -6.53 17.90 6.59
CA GLY D 113 -7.46 18.25 7.66
C GLY D 113 -6.92 19.50 8.33
N LYS D 114 -7.81 20.43 8.68
CA LYS D 114 -7.39 21.67 9.31
C LYS D 114 -8.06 21.87 10.68
N LEU D 115 -7.50 22.79 11.46
CA LEU D 115 -8.05 23.06 12.79
C LEU D 115 -9.53 23.36 12.68
N GLY D 116 -10.33 22.68 13.50
CA GLY D 116 -11.77 22.91 13.53
C GLY D 116 -12.59 22.09 12.55
N ASP D 117 -11.93 21.33 11.68
CA ASP D 117 -12.66 20.45 10.76
C ASP D 117 -13.39 19.38 11.55
N THR D 118 -14.55 18.94 11.06
CA THR D 118 -15.20 17.77 11.62
C THR D 118 -15.02 16.65 10.62
N LEU D 119 -14.51 15.52 11.08
CA LEU D 119 -14.20 14.38 10.21
C LEU D 119 -15.18 13.25 10.46
N LEU D 120 -15.71 12.70 9.37
CA LEU D 120 -16.58 11.55 9.42
C LEU D 120 -15.75 10.38 8.92
N ILE D 121 -15.57 9.36 9.77
CA ILE D 121 -14.75 8.22 9.43
C ILE D 121 -15.64 7.00 9.29
N ASP D 122 -15.61 6.39 8.11
CA ASP D 122 -16.49 5.27 7.77
C ASP D 122 -15.65 4.06 7.43
N GLY D 123 -15.84 2.97 8.16
CA GLY D 123 -15.13 1.73 7.89
C GLY D 123 -16.11 0.65 7.43
N ARG D 124 -15.76 -0.03 6.34
CA ARG D 124 -16.62 -1.08 5.81
C ARG D 124 -15.80 -2.32 5.49
N CYS D 125 -16.24 -3.47 5.98
CA CYS D 125 -15.58 -4.74 5.67
C CYS D 125 -15.90 -5.14 4.23
N VAL D 126 -14.87 -5.35 3.42
CA VAL D 126 -15.05 -5.78 2.03
C VAL D 126 -14.63 -7.22 1.83
N HIS D 127 -14.10 -7.83 2.87
CA HIS D 127 -13.74 -9.24 2.85
C HIS D 127 -13.77 -9.78 4.27
N ASP D 128 -14.71 -10.68 4.52
CA ASP D 128 -14.96 -11.18 5.85
C ASP D 128 -14.47 -12.64 5.89
N GLY D 129 -13.16 -12.81 5.86
CA GLY D 129 -12.57 -14.14 5.72
C GLY D 129 -12.30 -14.87 7.02
N ARG D 130 -11.98 -16.15 6.90
CA ARG D 130 -11.64 -16.96 8.07
C ARG D 130 -10.40 -16.44 8.80
N THR D 131 -9.36 -16.12 8.04
CA THR D 131 -8.08 -15.71 8.60
C THR D 131 -7.79 -14.22 8.43
N THR D 132 -8.38 -13.60 7.41
CA THR D 132 -8.18 -12.16 7.20
C THR D 132 -9.48 -11.40 7.05
N LYS D 133 -9.48 -10.16 7.51
CA LYS D 133 -10.55 -9.22 7.22
C LYS D 133 -9.90 -8.06 6.47
N VAL D 134 -10.58 -7.56 5.45
CA VAL D 134 -10.08 -6.38 4.76
C VAL D 134 -11.11 -5.27 4.93
N VAL D 135 -10.65 -4.11 5.39
CA VAL D 135 -11.54 -3.00 5.72
C VAL D 135 -11.17 -1.78 4.90
N ASP D 136 -12.17 -1.20 4.23
CA ASP D 136 -12.02 0.06 3.50
C ASP D 136 -12.45 1.20 4.42
N VAL D 137 -11.61 2.22 4.56
CA VAL D 137 -11.94 3.35 5.42
C VAL D 137 -11.91 4.65 4.61
N THR D 138 -12.91 5.51 4.82
CA THR D 138 -12.89 6.84 4.23
C THR D 138 -12.96 7.89 5.34
N VAL D 139 -12.33 9.02 5.11
CA VAL D 139 -12.38 10.13 6.05
C VAL D 139 -12.86 11.32 5.26
N THR D 140 -13.95 11.94 5.70
CA THR D 140 -14.61 12.98 4.94
C THR D 140 -14.85 14.18 5.83
N ASN D 141 -14.69 15.38 5.30
CA ASN D 141 -14.94 16.59 6.07
C ASN D 141 -16.39 17.10 5.93
N GLN D 142 -16.73 18.17 6.64
CA GLN D 142 -18.11 18.68 6.64
C GLN D 142 -18.54 19.19 5.26
N LEU D 143 -17.60 19.52 4.38
CA LEU D 143 -17.90 19.97 3.03
C LEU D 143 -18.07 18.77 2.11
N LYS D 144 -18.05 17.59 2.71
CA LYS D 144 -18.17 16.35 1.95
C LYS D 144 -17.01 16.17 0.97
N GLN D 145 -15.86 16.69 1.34
CA GLN D 145 -14.63 16.46 0.58
C GLN D 145 -13.89 15.28 1.21
N GLU D 146 -13.37 14.39 0.38
CA GLU D 146 -12.61 13.27 0.92
C GLU D 146 -11.23 13.74 1.37
N VAL D 147 -10.92 13.50 2.64
CA VAL D 147 -9.66 13.92 3.24
C VAL D 147 -8.64 12.81 3.11
N ALA D 148 -9.09 11.58 3.35
CA ALA D 148 -8.18 10.44 3.26
C ALA D 148 -8.92 9.17 2.97
N LYS D 149 -8.21 8.18 2.49
CA LYS D 149 -8.81 6.87 2.30
C LYS D 149 -7.76 5.81 2.58
N ALA D 150 -8.19 4.70 3.17
CA ALA D 150 -7.24 3.67 3.55
C ALA D 150 -7.82 2.30 3.38
N THR D 151 -6.94 1.31 3.26
CA THR D 151 -7.35 -0.09 3.28
C THR D 151 -6.52 -0.79 4.35
N PHE D 152 -7.20 -1.51 5.23
CA PHE D 152 -6.54 -2.24 6.31
C PHE D 152 -6.72 -3.74 6.15
N THR D 153 -5.62 -4.48 6.24
CA THR D 153 -5.70 -5.94 6.18
C THR D 153 -5.49 -6.40 7.61
N MET D 154 -6.48 -7.10 8.16
CA MET D 154 -6.48 -7.51 9.55
C MET D 154 -6.27 -9.02 9.63
N PHE D 155 -5.47 -9.48 10.60
CA PHE D 155 -5.22 -10.89 10.79
C PHE D 155 -6.05 -11.36 11.99
N VAL D 156 -6.91 -12.33 11.77
CA VAL D 156 -7.86 -12.78 12.80
C VAL D 156 -7.15 -13.59 13.87
N THR D 157 -7.35 -13.22 15.13
CA THR D 157 -6.70 -13.93 16.23
C THR D 157 -7.66 -14.77 17.08
N GLY D 158 -8.97 -14.60 16.88
CA GLY D 158 -9.92 -15.39 17.62
C GLY D 158 -11.33 -14.83 17.55
N LYS D 159 -12.28 -15.60 18.06
CA LYS D 159 -13.68 -15.18 18.10
C LYS D 159 -13.90 -14.26 19.30
N ARG D 160 -14.70 -13.22 19.10
CA ARG D 160 -14.87 -12.17 20.10
C ARG D 160 -15.69 -12.62 21.30
N1A COA E . -3.98 -18.49 13.67
C2A COA E . -3.80 -18.04 14.96
N3A COA E . -2.56 -17.59 15.38
C4A COA E . -1.52 -17.58 14.50
C5A COA E . -1.68 -18.02 13.20
C6A COA E . -2.91 -18.48 12.77
N6A COA E . -3.06 -19.02 11.57
N7A COA E . -0.48 -17.89 12.56
C8A COA E . 0.43 -17.39 13.43
N9A COA E . -0.20 -17.19 14.63
C1B COA E . 0.36 -16.57 15.83
C2B COA E . 1.60 -17.32 16.28
O2B COA E . 1.24 -18.37 17.17
C3B COA E . 2.40 -16.24 16.97
O3B COA E . 1.92 -16.09 18.28
P3B COA E . 2.87 -16.33 19.56
O7A COA E . 2.01 -16.71 20.75
O8A COA E . 3.86 -17.43 19.27
O9A COA E . 3.58 -15.03 19.85
C4B COA E . 1.99 -14.97 16.25
O4B COA E . 0.77 -15.24 15.57
C5B COA E . 3.05 -14.53 15.25
O5B COA E . 3.44 -15.64 14.47
P1A COA E . 4.61 -15.48 13.40
O1A COA E . 5.03 -16.82 12.85
O2A COA E . 5.79 -14.75 14.00
O3A COA E . 4.00 -14.57 12.22
P2A COA E . 2.71 -14.88 11.30
O4A COA E . 2.29 -16.33 11.36
O5A COA E . 3.11 -14.43 9.92
O6A COA E . 1.56 -13.95 11.96
CBP COA E . 0.92 -11.67 12.30
CCP COA E . 1.04 -12.81 11.29
CDP COA E . 0.17 -10.49 11.69
CEP COA E . 0.12 -12.16 13.51
CAP COA E . 2.33 -11.24 12.72
OAP COA E . 3.06 -10.82 11.59
C9P COA E . 2.29 -10.13 13.75
O9P COA E . 2.12 -10.46 15.10
N8P COA E . 2.41 -8.86 13.35
C7P COA E . 2.26 -7.74 14.27
C6P COA E . 0.82 -7.22 14.32
C5P COA E . 0.72 -5.91 15.10
O5P COA E . 1.42 -5.70 16.10
N4P COA E . -0.14 -5.00 14.64
C3P COA E . -0.28 -3.70 15.28
C2P COA E . -0.95 -3.78 16.66
S1P COA E . -2.58 -4.57 16.65
CL CL F . 19.97 0.11 -17.25
N1A COA G . 3.67 21.98 -6.58
C2A COA G . 3.31 22.74 -5.48
N3A COA G . 2.02 22.70 -4.98
C4A COA G . 1.09 21.92 -5.59
C5A COA G . 1.44 21.15 -6.70
C6A COA G . 2.73 21.19 -7.20
N6A COA G . 3.05 20.56 -8.34
N7A COA G . 0.32 20.48 -7.09
C8A COA G . -0.70 20.79 -6.26
N9A COA G . -0.24 21.69 -5.33
C1B COA G . -1.02 22.36 -4.28
C2B COA G . -2.26 23.02 -4.87
O2B COA G . -1.98 24.34 -5.28
C3B COA G . -3.20 23.01 -3.71
O3B COA G . -2.81 24.14 -2.98
P3B COA G . -3.91 25.04 -2.25
O7A COA G . -5.15 25.15 -3.12
O8A COA G . -4.25 24.37 -0.94
O9A COA G . -3.32 26.41 -2.01
C4B COA G . -2.82 21.76 -2.93
O4B COA G . -1.50 21.41 -3.34
C5B COA G . -3.75 20.59 -3.23
O5B COA G . -3.94 20.49 -4.63
P1A COA G . -4.98 19.43 -5.27
O1A COA G . -5.30 19.79 -6.70
O2A COA G . -6.23 19.34 -4.44
O3A COA G . -4.30 17.99 -5.23
P2A COA G . -2.87 17.50 -5.77
O4A COA G . -2.36 18.36 -6.91
O5A COA G . -3.10 16.06 -6.14
O6A COA G . -1.93 17.67 -4.48
CBP COA G . -1.36 16.76 -2.37
CCP COA G . -1.36 16.53 -3.87
CDP COA G . -0.53 15.66 -1.71
CEP COA G . -0.78 18.14 -2.05
CAP COA G . -2.82 16.66 -1.90
OAP COA G . -3.37 15.40 -2.29
C9P COA G . -2.91 16.84 -0.40
O9P COA G . -2.93 18.14 0.11
N8P COA G . -2.99 15.79 0.38
C7P COA G . -3.06 15.89 1.84
C6P COA G . -1.67 15.69 2.44
C5P COA G . -1.73 15.56 3.95
O5P COA G . -2.53 16.24 4.60
N4P COA G . -0.88 14.69 4.51
C3P COA G . -0.86 14.40 5.94
C2P COA G . -0.37 15.56 6.80
S1P COA G . 1.28 16.15 6.33
CL CL H . 3.17 -20.70 -10.43
CL CL I . -14.57 -11.52 -1.39
N1A COA J . 5.40 18.28 -13.25
C2A COA J . 5.83 17.78 -14.47
N3A COA J . 6.95 16.96 -14.52
C4A COA J . 7.62 16.66 -13.38
C5A COA J . 7.22 17.15 -12.15
C6A COA J . 6.09 17.97 -12.09
N6A COA J . 5.71 18.51 -10.93
N7A COA J . 8.06 16.68 -11.21
C8A COA J . 9.00 15.91 -11.79
N9A COA J . 8.74 15.89 -13.14
C1B COA J . 9.44 15.12 -14.19
C2B COA J . 10.92 15.46 -14.22
O2B COA J . 11.15 16.54 -15.10
C3B COA J . 11.54 14.18 -14.74
O3B COA J . 11.44 14.21 -16.13
P3B COA J . 12.68 13.78 -17.07
O7A COA J . 13.76 14.84 -16.96
O8A COA J . 13.21 12.43 -16.65
O9A COA J . 12.16 13.72 -18.49
C4B COA J . 10.60 13.09 -14.24
O4B COA J . 9.37 13.72 -13.93
C5B COA J . 11.15 12.39 -13.02
O5B COA J . 11.54 13.36 -12.07
P1A COA J . 12.31 12.92 -10.72
O1A COA J . 12.93 14.11 -10.06
O2A COA J . 13.33 11.86 -11.03
O3A COA J . 11.18 12.29 -9.79
P2A COA J . 9.81 12.97 -9.28
O4A COA J . 9.84 14.48 -9.38
O5A COA J . 9.62 12.45 -7.87
O6A COA J . 8.72 12.36 -10.30
CBP COA J . 7.57 10.38 -10.93
CCP COA J . 7.72 11.45 -9.85
CDP COA J . 6.35 9.51 -10.64
CEP COA J . 7.37 11.07 -12.28
CAP COA J . 8.85 9.55 -10.93
OAP COA J . 9.06 8.97 -9.66
C9P COA J . 8.81 8.44 -11.96
O9P COA J . 9.16 8.73 -13.28
N8P COA J . 8.41 7.23 -11.57
C7P COA J . 8.23 6.16 -12.54
C6P COA J . 6.79 6.05 -13.06
C5P COA J . 6.58 4.78 -13.86
O5P COA J . 7.46 4.36 -14.64
N4P COA J . 5.42 4.14 -13.71
C3P COA J . 5.10 2.94 -14.45
C2P COA J . 4.90 3.16 -15.96
S1P COA J . 3.63 4.38 -16.36
N1A COA K . -4.56 -21.88 6.52
C2A COA K . -4.85 -22.62 5.39
N3A COA K . -5.93 -22.27 4.61
C4A COA K . -6.70 -21.21 4.94
C5A COA K . -6.43 -20.46 6.07
C6A COA K . -5.34 -20.80 6.88
N6A COA K . -5.12 -20.15 8.02
N7A COA K . -7.37 -19.47 6.15
C8A COA K . -8.22 -19.58 5.11
N9A COA K . -7.82 -20.66 4.35
C1B COA K . -8.41 -21.09 3.07
C2B COA K . -9.88 -21.40 3.25
O2B COA K . -10.09 -22.73 3.66
C3B COA K . -10.40 -21.18 1.84
O3B COA K . -10.13 -22.35 1.13
P3B COA K . -11.17 -22.88 0.03
O7A COA K . -12.57 -22.77 0.58
O8A COA K . -11.03 -22.01 -1.21
O9A COA K . -10.85 -24.32 -0.31
C4B COA K . -9.51 -20.08 1.28
O4B COA K . -8.35 -20.06 2.11
C5B COA K . -10.17 -18.70 1.32
O5B COA K . -10.63 -18.43 2.63
P1A COA K . -11.50 -17.11 2.98
O1A COA K . -12.30 -17.32 4.23
O2A COA K . -12.39 -16.73 1.83
O3A COA K . -10.46 -15.91 3.20
P2A COA K . -9.14 -15.84 4.13
O4A COA K . -9.23 -16.78 5.31
O5A COA K . -9.05 -14.37 4.50
O6A COA K . -7.98 -16.30 3.12
CBP COA K . -6.58 -15.68 1.30
CCP COA K . -6.94 -15.42 2.76
CDP COA K . -5.32 -14.89 0.94
CEP COA K . -6.33 -17.18 1.09
CAP COA K . -7.76 -15.20 0.45
OAP COA K . -8.06 -13.83 0.72
C9P COA K . -7.50 -15.43 -1.02
O9P COA K . -7.72 -16.70 -1.56
N8P COA K . -7.09 -14.41 -1.76
C7P COA K . -6.77 -14.53 -3.17
C6P COA K . -5.27 -14.77 -3.36
C5P COA K . -4.86 -14.65 -4.81
O5P COA K . -5.62 -15.05 -5.71
N4P COA K . -3.65 -14.13 -5.04
C3P COA K . -3.13 -13.92 -6.39
C2P COA K . -2.80 -15.23 -7.09
S1P COA K . -1.53 -16.16 -6.20
CL CL L . -10.56 15.10 -2.13
#